data_3TL1
#
_entry.id   3TL1
#
_cell.length_a   64.517
_cell.length_b   40.488
_cell.length_c   66.806
_cell.angle_alpha   90.00
_cell.angle_beta   102.03
_cell.angle_gamma   90.00
#
_symmetry.space_group_name_H-M   'P 1 21 1'
#
loop_
_entity.id
_entity.type
_entity.pdbx_description
1 polymer 'Polyketide cyclase'
2 non-polymer 6,7,9-trihydroxy-3-methyl-1H-benzo[g]isochromen-1-one
3 non-polymer GLYCEROL
4 water water
#
_entity_poly.entity_id   1
_entity_poly.type   'polypeptide(L)'
_entity_poly.pdbx_seq_one_letter_code
;MAGHTDNEITIAAPMELVWNMTNDIEKWPGLFSEYASVEVLGRDDDKVTFRLTMHPDADGKVWSWVSERVADPVTRTVRA
QRVETGPFQYMNIVWEYAETAEGTVMRWTQDFAMKPDAPVDDAWMTDNINRNSRTQMALIRDRIEQAAGERRTASVLAD
;
_entity_poly.pdbx_strand_id   A,B
#
loop_
_chem_comp.id
_chem_comp.type
_chem_comp.name
_chem_comp.formula
GOL non-polymer GLYCEROL 'C3 H8 O3'
JRO non-polymer 6,7,9-trihydroxy-3-methyl-1H-benzo[g]isochromen-1-one 'C14 H10 O5'
#
# COMPACT_ATOMS: atom_id res chain seq x y z
N MET A 1 -6.95 -5.11 -2.92
CA MET A 1 -7.68 -4.46 -1.79
C MET A 1 -6.69 -4.06 -0.68
N ALA A 2 -6.90 -2.92 -0.02
CA ALA A 2 -7.46 -1.76 -0.64
C ALA A 2 -6.26 -0.82 -0.55
N GLY A 3 -6.48 0.47 -0.78
CA GLY A 3 -5.38 1.43 -0.95
C GLY A 3 -4.27 0.88 -1.85
N HIS A 4 -4.64 0.34 -3.01
CA HIS A 4 -3.65 -0.22 -3.91
C HIS A 4 -4.09 0.04 -5.35
N THR A 5 -3.19 0.64 -6.12
CA THR A 5 -3.41 0.81 -7.56
C THR A 5 -2.26 0.16 -8.32
N ASP A 6 -2.59 -0.43 -9.44
CA ASP A 6 -1.58 -1.09 -10.25
C ASP A 6 -2.02 -0.90 -11.71
N ASN A 7 -1.28 -0.07 -12.44
CA ASN A 7 -1.60 0.29 -13.82
C ASN A 7 -0.37 0.16 -14.71
N GLU A 8 -0.59 -0.25 -15.97
CA GLU A 8 0.51 -0.41 -16.91
C GLU A 8 0.08 0.00 -18.32
N ILE A 9 1.07 0.39 -19.11
CA ILE A 9 0.87 0.73 -20.51
C ILE A 9 2.09 0.24 -21.27
N THR A 10 1.87 -0.13 -22.52
CA THR A 10 2.98 -0.48 -23.43
C THR A 10 3.13 0.70 -24.38
N ILE A 11 4.36 1.14 -24.55
CA ILE A 11 4.72 2.28 -25.37
C ILE A 11 5.65 1.76 -26.46
N ALA A 12 5.31 2.02 -27.72
CA ALA A 12 6.07 1.47 -28.84
C ALA A 12 7.29 2.36 -29.15
N ALA A 13 8.23 2.35 -28.22
CA ALA A 13 9.43 3.14 -28.28
C ALA A 13 10.49 2.41 -27.47
N PRO A 14 11.78 2.68 -27.76
CA PRO A 14 12.76 1.93 -26.98
C PRO A 14 12.88 2.39 -25.52
N MET A 15 13.37 1.47 -24.69
CA MET A 15 13.55 1.72 -23.25
C MET A 15 14.24 3.06 -22.96
N GLU A 16 15.36 3.36 -23.63
CA GLU A 16 16.12 4.59 -23.32
C GLU A 16 15.25 5.84 -23.43
N LEU A 17 14.57 5.99 -24.57
CA LEU A 17 13.66 7.12 -24.78
C LEU A 17 12.54 7.17 -23.74
N VAL A 18 11.90 6.03 -23.44
CA VAL A 18 10.75 6.01 -22.53
C VAL A 18 11.23 6.39 -21.15
N TRP A 19 12.30 5.76 -20.72
CA TRP A 19 12.93 6.10 -19.43
C TRP A 19 13.30 7.57 -19.32
N ASN A 20 14.04 8.09 -20.31
CA ASN A 20 14.48 9.50 -20.26
C ASN A 20 13.33 10.48 -20.19
N MET A 21 12.35 10.31 -21.08
CA MET A 21 11.26 11.25 -21.16
C MET A 21 10.39 11.22 -19.88
N THR A 22 10.11 10.03 -19.38
CA THR A 22 9.22 9.90 -18.21
C THR A 22 9.91 10.33 -16.90
N ASN A 23 11.24 10.30 -16.89
CA ASN A 23 11.97 10.71 -15.69
C ASN A 23 12.52 12.14 -15.78
N ASP A 24 12.15 12.86 -16.84
CA ASP A 24 12.59 14.26 -17.01
C ASP A 24 11.55 15.15 -16.32
N ILE A 25 11.65 15.21 -15.00
CA ILE A 25 10.52 15.75 -14.21
C ILE A 25 10.24 17.25 -14.43
N GLU A 26 11.28 18.03 -14.66
CA GLU A 26 11.10 19.45 -15.00
C GLU A 26 10.30 19.65 -16.28
N LYS A 27 10.28 18.63 -17.14
CA LYS A 27 9.42 18.69 -18.33
C LYS A 27 8.08 17.98 -18.15
N TRP A 28 7.80 17.45 -16.96
CA TRP A 28 6.49 16.86 -16.69
C TRP A 28 5.28 17.73 -17.07
N PRO A 29 5.32 19.06 -16.75
CA PRO A 29 4.18 19.87 -17.11
C PRO A 29 3.88 19.84 -18.63
N GLY A 30 4.87 19.56 -19.46
CA GLY A 30 4.63 19.48 -20.91
C GLY A 30 4.23 18.08 -21.39
N LEU A 31 4.50 17.06 -20.56
CA LEU A 31 4.23 15.66 -20.92
C LEU A 31 2.93 15.13 -20.29
N PHE A 32 2.81 15.33 -18.98
CA PHE A 32 1.57 15.04 -18.30
C PHE A 32 0.60 16.17 -18.63
N SER A 33 -0.68 15.94 -18.44
CA SER A 33 -1.67 17.00 -18.47
C SER A 33 -2.31 17.24 -17.11
N GLU A 34 -1.96 16.45 -16.10
CA GLU A 34 -2.65 16.60 -14.79
C GLU A 34 -2.05 17.63 -13.82
N TYR A 35 -0.85 18.14 -14.08
CA TYR A 35 -0.20 19.05 -13.13
C TYR A 35 -0.21 20.49 -13.60
N ALA A 36 -0.67 21.38 -12.72
CA ALA A 36 -0.52 22.82 -12.89
C ALA A 36 0.94 23.18 -12.87
N SER A 37 1.71 22.52 -12.01
CA SER A 37 3.14 22.81 -11.93
C SER A 37 3.95 21.71 -11.23
N VAL A 38 5.24 21.70 -11.53
CA VAL A 38 6.22 20.77 -10.94
C VAL A 38 7.44 21.59 -10.61
N GLU A 39 7.86 21.61 -9.35
CA GLU A 39 9.06 22.34 -8.98
C GLU A 39 10.04 21.40 -8.33
N VAL A 40 11.27 21.40 -8.81
CA VAL A 40 12.31 20.59 -8.17
C VAL A 40 12.86 21.43 -7.03
N LEU A 41 12.77 20.93 -5.80
CA LEU A 41 13.15 21.68 -4.60
C LEU A 41 14.56 21.34 -4.14
N GLY A 42 15.02 20.15 -4.52
CA GLY A 42 16.36 19.73 -4.13
C GLY A 42 16.76 18.45 -4.81
N ARG A 43 18.08 18.21 -4.82
CA ARG A 43 18.63 16.92 -5.20
C ARG A 43 19.79 16.65 -4.27
N ASP A 44 19.72 15.58 -3.50
CA ASP A 44 20.97 15.08 -2.94
C ASP A 44 21.62 14.31 -4.12
N ASP A 45 22.49 13.33 -3.87
CA ASP A 45 23.06 12.60 -5.01
C ASP A 45 21.99 11.92 -5.87
N ASP A 46 21.20 11.07 -5.23
CA ASP A 46 20.33 10.11 -5.91
C ASP A 46 18.85 10.48 -5.81
N LYS A 47 18.52 11.22 -4.75
CA LYS A 47 17.14 11.44 -4.36
C LYS A 47 16.74 12.84 -4.74
N VAL A 48 15.65 12.94 -5.50
CA VAL A 48 15.13 14.23 -5.94
C VAL A 48 13.83 14.58 -5.20
N THR A 49 13.80 15.77 -4.60
CA THR A 49 12.66 16.28 -3.86
C THR A 49 11.98 17.35 -4.71
N PHE A 50 10.67 17.26 -4.81
CA PHE A 50 9.94 18.08 -5.74
C PHE A 50 8.50 18.28 -5.27
N ARG A 51 7.93 19.41 -5.68
CA ARG A 51 6.52 19.71 -5.37
C ARG A 51 5.65 19.54 -6.60
N LEU A 52 4.57 18.79 -6.42
CA LEU A 52 3.57 18.67 -7.47
C LEU A 52 2.33 19.43 -7.09
N THR A 53 1.73 20.10 -8.07
CA THR A 53 0.45 20.75 -7.86
C THR A 53 -0.48 20.34 -8.99
N MET A 54 -1.59 19.71 -8.64
CA MET A 54 -2.55 19.25 -9.63
C MET A 54 -3.48 20.37 -10.07
N HIS A 55 -4.08 20.21 -11.25
CA HIS A 55 -5.21 21.05 -11.62
C HIS A 55 -6.40 20.75 -10.66
N PRO A 56 -7.35 21.70 -10.52
CA PRO A 56 -8.45 21.46 -9.57
C PRO A 56 -9.21 20.16 -9.78
N ASP A 57 -9.53 19.48 -8.68
CA ASP A 57 -10.26 18.21 -8.77
C ASP A 57 -11.77 18.45 -9.01
N ALA A 58 -12.57 17.42 -8.82
CA ALA A 58 -14.00 17.48 -9.22
C ALA A 58 -14.77 18.41 -8.31
N ASP A 59 -14.19 18.68 -7.13
CA ASP A 59 -14.76 19.57 -6.14
C ASP A 59 -14.16 20.96 -6.21
N GLY A 60 -13.21 21.16 -7.12
CA GLY A 60 -12.56 22.45 -7.33
C GLY A 60 -11.36 22.67 -6.43
N LYS A 61 -10.96 21.59 -5.73
CA LYS A 61 -9.86 21.60 -4.78
C LYS A 61 -8.54 21.40 -5.52
N VAL A 62 -7.52 22.15 -5.14
CA VAL A 62 -6.18 21.96 -5.65
C VAL A 62 -5.35 21.13 -4.65
N TRP A 63 -4.85 19.98 -5.09
CA TRP A 63 -3.92 19.16 -4.27
C TRP A 63 -2.49 19.50 -4.63
N SER A 64 -1.66 19.77 -3.61
CA SER A 64 -0.29 20.10 -3.82
C SER A 64 0.49 19.42 -2.68
N TRP A 65 1.62 18.82 -3.03
CA TRP A 65 2.44 18.11 -2.03
C TRP A 65 3.89 18.00 -2.49
N VAL A 66 4.75 17.60 -1.55
CA VAL A 66 6.16 17.38 -1.79
C VAL A 66 6.41 15.87 -1.69
N SER A 67 7.17 15.36 -2.66
CA SER A 67 7.53 13.98 -2.75
C SER A 67 9.02 13.86 -2.94
N GLU A 68 9.55 12.69 -2.65
CA GLU A 68 10.95 12.42 -2.91
C GLU A 68 10.99 11.16 -3.73
N ARG A 69 11.87 11.13 -4.73
CA ARG A 69 11.95 9.91 -5.57
C ARG A 69 13.41 9.57 -5.86
N VAL A 70 13.68 8.29 -6.00
CA VAL A 70 14.96 7.80 -6.45
C VAL A 70 14.73 7.00 -7.73
N ALA A 71 15.30 7.44 -8.85
CA ALA A 71 15.16 6.69 -10.11
C ALA A 71 16.47 5.97 -10.38
N ASP A 72 16.41 4.68 -10.63
CA ASP A 72 17.64 3.90 -10.77
C ASP A 72 17.64 3.32 -12.18
N PRO A 73 18.49 3.85 -13.08
CA PRO A 73 18.33 3.40 -14.45
C PRO A 73 18.82 2.00 -14.69
N VAL A 74 19.56 1.42 -13.73
CA VAL A 74 20.17 0.10 -13.93
C VAL A 74 19.10 -0.98 -13.82
N THR A 75 18.24 -0.85 -12.81
CA THR A 75 17.13 -1.75 -12.62
C THR A 75 15.86 -1.25 -13.30
N ARG A 76 15.90 -0.04 -13.87
CA ARG A 76 14.73 0.59 -14.48
C ARG A 76 13.55 0.59 -13.50
N THR A 77 13.82 1.04 -12.27
CA THR A 77 12.77 1.19 -11.27
C THR A 77 12.87 2.59 -10.66
N VAL A 78 11.73 3.11 -10.19
CA VAL A 78 11.69 4.40 -9.49
C VAL A 78 10.88 4.13 -8.21
N ARG A 79 11.34 4.65 -7.08
CA ARG A 79 10.54 4.57 -5.88
C ARG A 79 10.33 5.99 -5.39
N ALA A 80 9.10 6.30 -4.99
CA ALA A 80 8.79 7.62 -4.51
C ALA A 80 7.93 7.52 -3.24
N GLN A 81 8.00 8.54 -2.40
CA GLN A 81 7.13 8.61 -1.24
C GLN A 81 6.83 10.07 -0.95
N ARG A 82 5.77 10.30 -0.20
CA ARG A 82 5.35 11.63 0.20
C ARG A 82 6.20 12.05 1.38
N VAL A 83 6.76 13.24 1.31
CA VAL A 83 7.63 13.80 2.36
C VAL A 83 6.81 14.16 3.62
N GLU A 84 5.65 14.79 3.41
CA GLU A 84 4.68 14.94 4.48
C GLU A 84 3.51 14.10 4.10
N THR A 85 3.13 13.19 5.01
CA THR A 85 2.06 12.26 4.74
C THR A 85 0.70 12.95 4.66
N GLY A 86 0.52 14.04 5.43
CA GLY A 86 -0.74 14.80 5.41
C GLY A 86 -2.02 14.01 5.69
N PRO A 87 -2.96 13.98 4.73
CA PRO A 87 -4.15 13.18 4.84
C PRO A 87 -3.88 11.66 4.74
N PHE A 88 -2.66 11.27 4.35
CA PHE A 88 -2.34 9.83 4.21
C PHE A 88 -1.64 9.29 5.45
N GLN A 89 -1.82 8.01 5.77
CA GLN A 89 -0.92 7.31 6.68
C GLN A 89 0.47 7.21 6.07
N TYR A 90 0.50 6.90 4.79
CA TYR A 90 1.71 6.87 3.97
C TYR A 90 1.27 6.75 2.53
N MET A 91 2.16 7.10 1.61
CA MET A 91 1.93 6.89 0.16
C MET A 91 3.23 6.42 -0.46
N ASN A 92 3.25 5.20 -0.99
CA ASN A 92 4.45 4.64 -1.62
C ASN A 92 4.17 4.37 -3.08
N ILE A 93 5.08 4.80 -3.93
CA ILE A 93 4.87 4.67 -5.36
C ILE A 93 6.07 4.03 -5.99
N VAL A 94 5.83 3.03 -6.82
CA VAL A 94 6.90 2.37 -7.54
C VAL A 94 6.54 2.39 -9.03
N TRP A 95 7.52 2.75 -9.86
CA TRP A 95 7.43 2.65 -11.31
C TRP A 95 8.46 1.62 -11.75
N GLU A 96 8.05 0.72 -12.62
CA GLU A 96 8.94 -0.35 -13.16
C GLU A 96 8.81 -0.29 -14.67
N TYR A 97 9.90 -0.62 -15.35
CA TYR A 97 9.85 -0.72 -16.80
C TYR A 97 10.50 -2.01 -17.28
N ALA A 98 9.99 -2.52 -18.40
CA ALA A 98 10.64 -3.66 -19.06
C ALA A 98 10.49 -3.62 -20.59
N GLU A 99 11.35 -4.37 -21.28
CA GLU A 99 11.22 -4.49 -22.73
C GLU A 99 10.36 -5.68 -23.09
N THR A 100 9.48 -5.51 -24.08
CA THR A 100 8.66 -6.60 -24.57
C THR A 100 8.68 -6.50 -26.06
N ALA A 101 8.05 -7.46 -26.71
CA ALA A 101 8.02 -7.54 -28.15
C ALA A 101 7.32 -6.32 -28.75
N GLU A 102 6.38 -5.73 -28.00
CA GLU A 102 5.59 -4.58 -28.47
C GLU A 102 6.15 -3.22 -28.09
N GLY A 103 7.27 -3.17 -27.37
CA GLY A 103 7.87 -1.92 -26.94
C GLY A 103 8.21 -1.97 -25.46
N THR A 104 8.07 -0.84 -24.77
CA THR A 104 8.55 -0.76 -23.40
C THR A 104 7.26 -0.78 -22.57
N VAL A 105 7.15 -1.71 -21.63
CA VAL A 105 6.07 -1.65 -20.67
C VAL A 105 6.48 -0.76 -19.47
N MET A 106 5.59 0.12 -19.05
CA MET A 106 5.81 0.89 -17.85
C MET A 106 4.66 0.59 -16.92
N ARG A 107 4.98 0.25 -15.66
CA ARG A 107 3.96 -0.12 -14.66
C ARG A 107 4.08 0.82 -13.49
N TRP A 108 2.93 1.31 -13.00
CA TRP A 108 2.89 2.27 -11.92
C TRP A 108 2.07 1.62 -10.82
N THR A 109 2.65 1.53 -9.63
CA THR A 109 1.96 0.93 -8.48
C THR A 109 1.98 1.91 -7.35
N GLN A 110 0.85 2.06 -6.66
CA GLN A 110 0.80 2.98 -5.49
C GLN A 110 0.14 2.24 -4.32
N ASP A 111 0.68 2.41 -3.12
CA ASP A 111 0.13 1.73 -1.95
C ASP A 111 0.05 2.79 -0.86
N PHE A 112 -1.14 2.88 -0.29
CA PHE A 112 -1.41 3.99 0.62
C PHE A 112 -2.57 3.65 1.51
N ALA A 113 -2.79 4.50 2.49
CA ALA A 113 -3.98 4.43 3.33
C ALA A 113 -4.24 5.85 3.80
N MET A 114 -5.52 6.22 3.90
CA MET A 114 -5.88 7.52 4.44
C MET A 114 -5.90 7.45 5.98
N LYS A 115 -5.47 8.56 6.61
CA LYS A 115 -5.70 8.78 8.03
C LYS A 115 -7.19 8.79 8.38
N PRO A 116 -7.52 8.30 9.61
CA PRO A 116 -8.87 8.25 10.15
C PRO A 116 -9.65 9.54 9.95
N ASP A 117 -9.02 10.70 10.17
CA ASP A 117 -9.75 11.96 9.91
C ASP A 117 -9.38 12.72 8.63
N ALA A 118 -8.94 11.96 7.61
CA ALA A 118 -8.74 12.50 6.24
C ALA A 118 -10.09 12.98 5.69
N PRO A 119 -10.08 13.98 4.79
CA PRO A 119 -11.32 14.44 4.14
C PRO A 119 -11.91 13.50 3.11
N VAL A 120 -11.10 12.56 2.62
CA VAL A 120 -11.64 11.48 1.79
C VAL A 120 -11.15 10.09 2.19
N ASP A 121 -11.86 9.05 1.75
CA ASP A 121 -11.54 7.69 2.11
C ASP A 121 -10.69 6.98 1.04
N ASP A 122 -10.25 5.77 1.38
CA ASP A 122 -9.37 5.01 0.51
C ASP A 122 -10.01 4.78 -0.85
N ALA A 123 -11.32 4.58 -0.89
CA ALA A 123 -12.03 4.30 -2.13
C ALA A 123 -12.05 5.49 -3.05
N TRP A 124 -12.34 6.67 -2.51
CA TRP A 124 -12.32 7.91 -3.32
C TRP A 124 -10.91 8.12 -3.91
N MET A 125 -9.89 7.93 -3.06
CA MET A 125 -8.51 8.18 -3.48
C MET A 125 -8.10 7.18 -4.52
N THR A 126 -8.42 5.90 -4.28
CA THR A 126 -8.14 4.81 -5.24
C THR A 126 -8.77 5.11 -6.62
N ASP A 127 -10.02 5.54 -6.62
CA ASP A 127 -10.69 5.85 -7.89
C ASP A 127 -10.08 6.99 -8.65
N ASN A 128 -9.71 8.04 -7.92
CA ASN A 128 -9.04 9.18 -8.55
C ASN A 128 -7.68 8.80 -9.14
N ILE A 129 -6.90 8.03 -8.37
CA ILE A 129 -5.57 7.60 -8.76
C ILE A 129 -5.68 6.69 -10.00
N ASN A 130 -6.64 5.74 -10.02
CA ASN A 130 -6.80 4.90 -11.24
C ASN A 130 -7.19 5.73 -12.46
N ARG A 131 -8.17 6.62 -12.29
CA ARG A 131 -8.62 7.49 -13.39
C ARG A 131 -7.54 8.36 -13.98
N ASN A 132 -6.86 9.12 -13.12
CA ASN A 132 -5.78 9.96 -13.58
C ASN A 132 -4.64 9.14 -14.13
N SER A 133 -4.31 8.02 -13.48
CA SER A 133 -3.18 7.19 -13.96
C SER A 133 -3.46 6.71 -15.39
N ARG A 134 -4.69 6.28 -15.61
CA ARG A 134 -5.06 5.68 -16.91
C ARG A 134 -5.04 6.70 -18.01
N THR A 135 -5.54 7.88 -17.71
CA THR A 135 -5.53 8.96 -18.67
C THR A 135 -4.11 9.45 -18.99
N GLN A 136 -3.31 9.66 -17.94
CA GLN A 136 -1.96 10.18 -18.12
C GLN A 136 -1.10 9.14 -18.80
N MET A 137 -1.30 7.86 -18.46
CA MET A 137 -0.46 6.83 -19.13
C MET A 137 -0.72 6.83 -20.63
N ALA A 138 -1.97 7.01 -21.00
CA ALA A 138 -2.38 6.96 -22.41
C ALA A 138 -1.80 8.18 -23.16
N LEU A 139 -1.82 9.32 -22.51
CA LEU A 139 -1.28 10.54 -23.07
C LEU A 139 0.25 10.53 -23.23
N ILE A 140 0.94 10.06 -22.20
CA ILE A 140 2.39 9.93 -22.23
C ILE A 140 2.78 8.98 -23.34
N ARG A 141 2.04 7.89 -23.48
CA ARG A 141 2.31 6.92 -24.55
C ARG A 141 2.25 7.63 -25.91
N ASP A 142 1.21 8.44 -26.13
CA ASP A 142 1.02 9.09 -27.43
C ASP A 142 2.12 10.08 -27.70
N ARG A 143 2.51 10.85 -26.69
CA ARG A 143 3.57 11.84 -26.85
C ARG A 143 4.94 11.21 -27.12
N ILE A 144 5.27 10.15 -26.38
CA ILE A 144 6.57 9.50 -26.56
C ILE A 144 6.62 8.77 -27.92
N GLU A 145 5.55 8.07 -28.28
CA GLU A 145 5.45 7.44 -29.62
C GLU A 145 5.55 8.48 -30.75
N GLN A 146 5.00 9.65 -30.51
CA GLN A 146 5.11 10.75 -31.46
C GLN A 146 6.54 11.22 -31.55
N ALA A 147 7.20 11.40 -30.41
CA ALA A 147 8.61 11.78 -30.37
C ALA A 147 9.48 10.73 -31.07
N ALA A 148 9.20 9.46 -30.80
CA ALA A 148 9.93 8.36 -31.46
C ALA A 148 9.73 8.36 -32.98
N GLY A 149 8.53 8.65 -33.45
CA GLY A 149 8.21 8.59 -34.88
C GLY A 149 8.91 9.75 -35.57
N GLU A 150 8.90 10.90 -34.92
CA GLU A 150 9.54 12.07 -35.51
C GLU A 150 11.05 11.89 -35.60
N ARG A 151 11.64 11.28 -34.57
CA ARG A 151 13.06 11.01 -34.57
C ARG A 151 13.43 10.02 -35.70
N ARG A 152 12.58 9.03 -35.90
CA ARG A 152 12.81 8.00 -36.88
C ARG A 152 12.67 8.54 -38.31
N THR A 153 11.63 9.35 -38.54
CA THR A 153 11.47 10.01 -39.82
C THR A 153 12.68 10.88 -40.14
N ALA A 154 13.17 11.66 -39.16
CA ALA A 154 14.35 12.51 -39.36
C ALA A 154 15.58 11.70 -39.77
N SER A 155 15.79 10.60 -39.05
CA SER A 155 16.93 9.72 -39.23
C SER A 155 16.89 8.99 -40.58
N VAL A 156 15.75 8.39 -40.90
CA VAL A 156 15.58 7.67 -42.16
C VAL A 156 15.65 8.62 -43.38
N LEU A 157 15.07 9.82 -43.25
CA LEU A 157 15.08 10.79 -44.35
C LEU A 157 16.39 11.58 -44.51
N ALA A 158 17.33 11.45 -43.57
CA ALA A 158 18.59 12.20 -43.64
C ALA A 158 19.60 11.46 -44.50
N MET B 1 9.87 3.26 6.97
CA MET B 1 11.18 2.53 7.11
C MET B 1 10.94 1.05 6.85
N ALA B 2 11.83 0.43 6.06
CA ALA B 2 11.85 -1.04 5.96
C ALA B 2 12.07 -1.57 7.36
N GLY B 3 11.39 -2.66 7.72
CA GLY B 3 11.47 -3.28 9.04
C GLY B 3 10.52 -2.71 10.08
N HIS B 4 9.71 -1.71 9.68
CA HIS B 4 8.66 -1.11 10.54
C HIS B 4 7.37 -0.82 9.77
N THR B 5 6.25 -1.44 10.20
CA THR B 5 4.97 -1.17 9.57
C THR B 5 4.04 -0.59 10.63
N ASP B 6 3.18 0.31 10.20
CA ASP B 6 2.23 0.94 11.10
C ASP B 6 0.99 1.22 10.27
N ASN B 7 -0.09 0.50 10.57
CA ASN B 7 -1.32 0.58 9.81
C ASN B 7 -2.49 0.75 10.74
N GLU B 8 -3.38 1.67 10.38
CA GLU B 8 -4.60 1.80 11.13
C GLU B 8 -5.85 1.79 10.25
N ILE B 9 -6.97 1.43 10.86
CA ILE B 9 -8.24 1.51 10.17
C ILE B 9 -9.31 1.96 11.18
N THR B 10 -10.31 2.70 10.72
CA THR B 10 -11.48 3.00 11.56
C THR B 10 -12.59 2.05 11.18
N ILE B 11 -13.23 1.49 12.19
CA ILE B 11 -14.35 0.62 12.00
C ILE B 11 -15.57 1.23 12.70
N ALA B 12 -16.66 1.41 11.95
CA ALA B 12 -17.88 2.07 12.49
C ALA B 12 -18.66 1.08 13.34
N ALA B 13 -18.08 0.73 14.48
CA ALA B 13 -18.71 -0.26 15.36
C ALA B 13 -18.14 -0.01 16.74
N PRO B 14 -18.90 -0.36 17.80
CA PRO B 14 -18.43 -0.11 19.17
C PRO B 14 -17.17 -0.92 19.49
N MET B 15 -16.45 -0.44 20.50
CA MET B 15 -15.22 -1.07 20.95
C MET B 15 -15.41 -2.53 21.28
N GLU B 16 -16.47 -2.86 22.02
CA GLU B 16 -16.72 -4.25 22.44
C GLU B 16 -16.83 -5.23 21.25
N LEU B 17 -17.67 -4.90 20.27
CA LEU B 17 -17.76 -5.74 19.08
C LEU B 17 -16.42 -5.85 18.36
N VAL B 18 -15.73 -4.73 18.16
CA VAL B 18 -14.48 -4.71 17.37
C VAL B 18 -13.42 -5.58 18.05
N TRP B 19 -13.27 -5.37 19.36
CA TRP B 19 -12.31 -6.12 20.17
C TRP B 19 -12.63 -7.62 20.20
N ASN B 20 -13.90 -7.97 20.44
CA ASN B 20 -14.34 -9.37 20.52
C ASN B 20 -14.12 -10.12 19.21
N MET B 21 -14.59 -9.55 18.11
CA MET B 21 -14.49 -10.20 16.80
C MET B 21 -13.04 -10.27 16.32
N THR B 22 -12.27 -9.23 16.54
CA THR B 22 -10.87 -9.28 16.11
C THR B 22 -10.00 -10.22 16.96
N ASN B 23 -10.40 -10.45 18.21
CA ASN B 23 -9.63 -11.36 19.08
C ASN B 23 -10.15 -12.80 19.17
N ASP B 24 -11.17 -13.11 18.38
CA ASP B 24 -11.71 -14.45 18.34
C ASP B 24 -10.88 -15.26 17.33
N ILE B 25 -9.70 -15.68 17.79
CA ILE B 25 -8.71 -16.36 16.95
C ILE B 25 -9.30 -17.57 16.19
N GLU B 26 -10.12 -18.37 16.86
CA GLU B 26 -10.60 -19.59 16.21
C GLU B 26 -11.48 -19.28 15.02
N LYS B 27 -12.11 -18.12 15.02
CA LYS B 27 -12.92 -17.69 13.89
C LYS B 27 -12.16 -16.86 12.86
N TRP B 28 -10.85 -16.72 13.04
CA TRP B 28 -10.05 -15.89 12.11
C TRP B 28 -10.16 -16.32 10.65
N PRO B 29 -10.24 -17.64 10.35
CA PRO B 29 -10.36 -18.05 8.93
C PRO B 29 -11.64 -17.55 8.24
N GLY B 30 -12.65 -17.18 9.00
CA GLY B 30 -13.87 -16.61 8.41
C GLY B 30 -13.89 -15.09 8.41
N LEU B 31 -12.93 -14.49 9.12
CA LEU B 31 -12.79 -13.04 9.23
C LEU B 31 -11.70 -12.47 8.30
N PHE B 32 -10.48 -12.96 8.47
CA PHE B 32 -9.39 -12.70 7.55
C PHE B 32 -9.63 -13.53 6.28
N SER B 33 -8.92 -13.14 5.20
CA SER B 33 -8.84 -13.92 3.95
C SER B 33 -7.41 -14.33 3.67
N GLU B 34 -6.47 -13.94 4.52
CA GLU B 34 -5.09 -14.28 4.16
C GLU B 34 -4.58 -15.63 4.65
N TYR B 35 -5.35 -16.32 5.49
CA TYR B 35 -4.89 -17.57 6.14
C TYR B 35 -5.63 -18.80 5.62
N ALA B 36 -4.84 -19.77 5.14
CA ALA B 36 -5.31 -21.11 4.86
C ALA B 36 -5.89 -21.78 6.10
N SER B 37 -5.25 -21.58 7.24
CA SER B 37 -5.74 -22.17 8.46
C SER B 37 -5.21 -21.40 9.68
N VAL B 38 -5.95 -21.49 10.76
CA VAL B 38 -5.57 -20.88 12.04
C VAL B 38 -5.88 -21.95 13.06
N GLU B 39 -4.86 -22.37 13.81
CA GLU B 39 -4.97 -23.52 14.70
C GLU B 39 -4.65 -23.04 16.09
N VAL B 40 -5.61 -23.07 17.01
CA VAL B 40 -5.30 -22.65 18.39
C VAL B 40 -4.67 -23.87 19.06
N LEU B 41 -3.46 -23.69 19.59
CA LEU B 41 -2.64 -24.81 20.06
C LEU B 41 -2.66 -24.93 21.58
N GLY B 42 -3.14 -23.87 22.24
CA GLY B 42 -3.27 -23.83 23.70
C GLY B 42 -3.59 -22.45 24.23
N ARG B 43 -4.33 -22.39 25.34
CA ARG B 43 -4.50 -21.14 26.14
C ARG B 43 -3.75 -21.35 27.44
N ASP B 44 -2.83 -20.44 27.76
CA ASP B 44 -1.73 -20.76 28.68
C ASP B 44 -1.44 -19.81 29.86
N ASP B 45 -2.33 -18.95 30.37
CA ASP B 45 -3.64 -18.50 29.85
C ASP B 45 -3.96 -17.32 30.76
N ASP B 46 -4.07 -16.08 30.28
CA ASP B 46 -4.44 -15.68 28.90
C ASP B 46 -3.33 -15.41 27.87
N LYS B 47 -2.27 -16.22 27.87
CA LYS B 47 -1.37 -16.29 26.72
C LYS B 47 -1.96 -17.32 25.75
N VAL B 48 -2.20 -16.96 24.50
CA VAL B 48 -2.70 -17.91 23.51
C VAL B 48 -1.64 -18.20 22.47
N THR B 49 -1.37 -19.50 22.25
CA THR B 49 -0.35 -19.99 21.30
C THR B 49 -1.12 -20.58 20.15
N PHE B 50 -0.74 -20.28 18.94
CA PHE B 50 -1.56 -20.71 17.81
C PHE B 50 -0.69 -20.74 16.56
N ARG B 51 -1.10 -21.53 15.58
CA ARG B 51 -0.38 -21.66 14.32
C ARG B 51 -1.18 -20.95 13.24
N LEU B 52 -0.48 -20.10 12.50
CA LEU B 52 -1.00 -19.47 11.30
C LEU B 52 -0.38 -20.07 10.05
N THR B 53 -1.21 -20.31 9.04
CA THR B 53 -0.66 -20.76 7.77
C THR B 53 -1.24 -19.86 6.70
N MET B 54 -0.39 -19.15 5.95
CA MET B 54 -0.91 -18.24 4.94
C MET B 54 -1.24 -18.94 3.62
N HIS B 55 -2.10 -18.34 2.80
CA HIS B 55 -2.17 -18.75 1.40
C HIS B 55 -0.81 -18.50 0.72
N PRO B 56 -0.50 -19.24 -0.35
CA PRO B 56 0.76 -19.04 -1.05
C PRO B 56 1.05 -17.58 -1.38
N ASP B 57 2.30 -17.16 -1.24
CA ASP B 57 2.72 -15.77 -1.55
C ASP B 57 2.97 -15.64 -3.05
N ALA B 58 3.53 -14.51 -3.48
CA ALA B 58 3.80 -14.25 -4.92
C ALA B 58 4.83 -15.18 -5.58
N ASP B 59 5.66 -15.83 -4.76
CA ASP B 59 6.60 -16.86 -5.25
C ASP B 59 6.02 -18.26 -5.11
N GLY B 60 4.78 -18.36 -4.63
CA GLY B 60 4.14 -19.63 -4.42
C GLY B 60 4.57 -20.33 -3.16
N LYS B 61 5.22 -19.61 -2.26
CA LYS B 61 5.70 -20.17 -0.99
C LYS B 61 4.64 -20.03 0.10
N VAL B 62 4.50 -21.08 0.90
CA VAL B 62 3.64 -21.07 2.09
C VAL B 62 4.44 -20.70 3.36
N TRP B 63 4.04 -19.60 4.01
CA TRP B 63 4.61 -19.22 5.32
C TRP B 63 3.67 -19.75 6.40
N SER B 64 4.24 -20.47 7.35
CA SER B 64 3.47 -21.03 8.47
C SER B 64 4.34 -20.94 9.71
N TRP B 65 3.73 -20.52 10.81
CA TRP B 65 4.46 -20.34 12.05
C TRP B 65 3.54 -20.38 13.25
N VAL B 66 4.14 -20.52 14.42
CA VAL B 66 3.46 -20.47 15.67
C VAL B 66 3.79 -19.14 16.36
N SER B 67 2.73 -18.50 16.85
CA SER B 67 2.87 -17.25 17.55
C SER B 67 2.22 -17.37 18.91
N GLU B 68 2.64 -16.51 19.85
CA GLU B 68 1.96 -16.42 21.15
C GLU B 68 1.43 -15.02 21.27
N ARG B 69 0.23 -14.87 21.79
CA ARG B 69 -0.25 -13.49 21.93
C ARG B 69 -0.95 -13.28 23.25
N VAL B 70 -0.88 -12.06 23.74
CA VAL B 70 -1.51 -11.72 25.00
C VAL B 70 -2.39 -10.51 24.72
N ALA B 71 -3.70 -10.70 24.83
CA ALA B 71 -4.66 -9.62 24.57
C ALA B 71 -5.15 -9.11 25.92
N ASP B 72 -5.04 -7.80 26.16
CA ASP B 72 -5.42 -7.20 27.45
C ASP B 72 -6.60 -6.29 27.18
N PRO B 73 -7.82 -6.73 27.55
CA PRO B 73 -9.03 -5.96 27.24
C PRO B 73 -9.17 -4.69 28.07
N VAL B 74 -8.42 -4.57 29.16
CA VAL B 74 -8.50 -3.34 29.97
C VAL B 74 -7.79 -2.20 29.29
N THR B 75 -6.58 -2.45 28.82
CA THR B 75 -5.86 -1.43 28.07
C THR B 75 -6.16 -1.48 26.57
N ARG B 76 -6.91 -2.49 26.14
CA ARG B 76 -7.24 -2.70 24.72
C ARG B 76 -5.95 -2.75 23.89
N THR B 77 -5.01 -3.60 24.29
CA THR B 77 -3.77 -3.77 23.52
C THR B 77 -3.50 -5.25 23.44
N VAL B 78 -2.77 -5.67 22.41
CA VAL B 78 -2.42 -7.06 22.20
C VAL B 78 -0.93 -7.03 21.88
N ARG B 79 -0.17 -7.93 22.46
CA ARG B 79 1.24 -8.05 22.04
C ARG B 79 1.42 -9.45 21.51
N ALA B 80 2.18 -9.59 20.43
CA ALA B 80 2.36 -10.93 19.85
C ALA B 80 3.80 -11.18 19.46
N GLN B 81 4.23 -12.41 19.58
CA GLN B 81 5.60 -12.72 19.12
C GLN B 81 5.63 -14.10 18.47
N ARG B 82 6.61 -14.33 17.60
CA ARG B 82 6.90 -15.65 17.07
C ARG B 82 7.53 -16.53 18.14
N VAL B 83 7.14 -17.80 18.21
CA VAL B 83 7.71 -18.76 19.16
C VAL B 83 9.13 -19.20 18.70
N GLU B 84 9.37 -19.16 17.39
CA GLU B 84 10.65 -19.44 16.80
C GLU B 84 10.87 -18.33 15.78
N THR B 85 12.01 -17.66 15.89
CA THR B 85 12.35 -16.53 15.02
C THR B 85 12.49 -16.86 13.53
N GLY B 86 13.00 -18.05 13.21
CA GLY B 86 12.99 -18.52 11.82
C GLY B 86 13.83 -17.64 10.94
N PRO B 87 13.25 -17.16 9.84
CA PRO B 87 14.03 -16.27 9.01
C PRO B 87 14.19 -14.82 9.52
N PHE B 88 13.53 -14.47 10.63
CA PHE B 88 13.63 -13.14 11.21
C PHE B 88 14.68 -13.08 12.26
N GLN B 89 15.40 -11.99 12.26
CA GLN B 89 16.26 -11.65 13.43
C GLN B 89 15.37 -11.43 14.66
N TYR B 90 14.25 -10.72 14.45
CA TYR B 90 13.24 -10.50 15.49
C TYR B 90 11.95 -10.12 14.79
N MET B 91 10.85 -10.31 15.50
CA MET B 91 9.50 -9.88 15.03
C MET B 91 8.58 -9.58 16.23
N ASN B 92 8.22 -8.31 16.39
CA ASN B 92 7.35 -7.86 17.48
C ASN B 92 6.12 -7.18 16.92
N ILE B 93 4.96 -7.62 17.37
CA ILE B 93 3.71 -7.08 16.89
C ILE B 93 2.86 -6.51 18.06
N VAL B 94 2.29 -5.32 17.85
CA VAL B 94 1.39 -4.75 18.83
C VAL B 94 0.14 -4.27 18.10
N TRP B 95 -1.02 -4.56 18.67
CA TRP B 95 -2.27 -4.01 18.20
C TRP B 95 -2.81 -3.10 19.29
N GLU B 96 -3.32 -1.94 18.88
CA GLU B 96 -3.90 -1.02 19.84
C GLU B 96 -5.24 -0.59 19.34
N TYR B 97 -6.15 -0.28 20.25
CA TYR B 97 -7.50 0.15 19.84
C TYR B 97 -7.89 1.40 20.63
N ALA B 98 -8.74 2.23 20.04
CA ALA B 98 -9.19 3.44 20.75
C ALA B 98 -10.52 3.85 20.20
N GLU B 99 -11.37 4.43 21.05
CA GLU B 99 -12.66 4.90 20.61
C GLU B 99 -12.56 6.28 20.05
N THR B 100 -13.27 6.55 18.96
CA THR B 100 -13.30 7.92 18.38
C THR B 100 -14.75 8.26 18.10
N ALA B 101 -15.01 9.49 17.68
CA ALA B 101 -16.38 9.89 17.38
C ALA B 101 -17.01 9.00 16.31
N GLU B 102 -16.22 8.53 15.34
CA GLU B 102 -16.71 7.69 14.23
C GLU B 102 -16.72 6.16 14.44
N GLY B 103 -16.20 5.66 15.55
CA GLY B 103 -16.12 4.23 15.77
C GLY B 103 -14.90 3.82 16.54
N THR B 104 -14.29 2.70 16.13
CA THR B 104 -13.12 2.18 16.84
C THR B 104 -11.98 2.24 15.86
N VAL B 105 -10.88 2.84 16.27
CA VAL B 105 -9.69 2.79 15.45
C VAL B 105 -8.83 1.64 15.95
N MET B 106 -8.32 0.85 15.00
CA MET B 106 -7.44 -0.25 15.36
C MET B 106 -6.16 -0.02 14.63
N ARG B 107 -5.05 -0.11 15.36
CA ARG B 107 -3.73 0.09 14.78
C ARG B 107 -2.87 -1.15 14.99
N TRP B 108 -2.21 -1.59 13.93
CA TRP B 108 -1.29 -2.73 13.95
C TRP B 108 0.11 -2.18 13.68
N THR B 109 1.06 -2.48 14.56
CA THR B 109 2.47 -2.12 14.33
C THR B 109 3.34 -3.35 14.36
N GLN B 110 4.25 -3.48 13.40
CA GLN B 110 5.19 -4.62 13.45
C GLN B 110 6.58 -4.06 13.28
N ASP B 111 7.51 -4.64 14.03
CA ASP B 111 8.92 -4.28 13.92
C ASP B 111 9.70 -5.54 13.71
N PHE B 112 10.52 -5.60 12.65
CA PHE B 112 11.16 -6.88 12.30
C PHE B 112 12.45 -6.59 11.55
N ALA B 113 13.24 -7.64 11.39
CA ALA B 113 14.40 -7.56 10.48
C ALA B 113 14.63 -8.98 10.08
N MET B 114 15.07 -9.17 8.84
CA MET B 114 15.37 -10.48 8.34
C MET B 114 16.83 -10.84 8.64
N LYS B 115 17.05 -12.11 8.92
CA LYS B 115 18.38 -12.68 9.10
C LYS B 115 19.16 -12.57 7.82
N PRO B 116 20.49 -12.44 7.93
CA PRO B 116 21.27 -12.23 6.72
C PRO B 116 21.11 -13.36 5.67
N ASP B 117 20.76 -14.57 6.10
CA ASP B 117 20.56 -15.68 5.17
C ASP B 117 19.08 -16.02 4.83
N ALA B 118 18.15 -15.13 5.16
CA ALA B 118 16.72 -15.38 4.89
C ALA B 118 16.43 -15.37 3.37
N PRO B 119 15.36 -16.06 2.93
CA PRO B 119 15.10 -16.04 1.47
C PRO B 119 14.61 -14.68 0.94
N VAL B 120 14.13 -13.80 1.82
CA VAL B 120 13.64 -12.49 1.39
C VAL B 120 14.29 -11.41 2.23
N ASP B 121 14.24 -10.15 1.75
CA ASP B 121 14.85 -9.04 2.48
C ASP B 121 13.82 -8.13 3.19
N ASP B 122 14.31 -7.20 4.01
CA ASP B 122 13.44 -6.26 4.75
C ASP B 122 12.44 -5.49 3.89
N ALA B 123 12.88 -4.95 2.77
CA ALA B 123 11.95 -4.23 1.89
C ALA B 123 10.85 -5.14 1.36
N TRP B 124 11.24 -6.33 0.92
CA TRP B 124 10.26 -7.33 0.47
C TRP B 124 9.20 -7.64 1.55
N MET B 125 9.67 -7.88 2.78
CA MET B 125 8.79 -8.24 3.88
C MET B 125 7.90 -7.05 4.27
N THR B 126 8.47 -5.85 4.28
CA THR B 126 7.72 -4.66 4.63
C THR B 126 6.60 -4.43 3.63
N ASP B 127 6.94 -4.55 2.34
CA ASP B 127 5.92 -4.37 1.30
C ASP B 127 4.75 -5.36 1.48
N ASN B 128 5.05 -6.63 1.68
CA ASN B 128 4.03 -7.66 1.89
C ASN B 128 3.18 -7.41 3.12
N ILE B 129 3.83 -7.15 4.26
CA ILE B 129 3.10 -6.82 5.49
C ILE B 129 2.18 -5.59 5.29
N ASN B 130 2.70 -4.53 4.66
CA ASN B 130 1.83 -3.35 4.48
C ASN B 130 0.62 -3.69 3.61
N ARG B 131 0.88 -4.34 2.46
CA ARG B 131 -0.21 -4.70 1.54
C ARG B 131 -1.19 -5.65 2.13
N ASN B 132 -0.69 -6.68 2.79
CA ASN B 132 -1.58 -7.64 3.42
C ASN B 132 -2.38 -6.98 4.53
N SER B 133 -1.72 -6.09 5.27
CA SER B 133 -2.41 -5.35 6.34
C SER B 133 -3.55 -4.48 5.82
N ARG B 134 -3.33 -3.75 4.73
CA ARG B 134 -4.41 -2.91 4.18
C ARG B 134 -5.57 -3.77 3.78
N THR B 135 -5.27 -4.88 3.08
CA THR B 135 -6.34 -5.73 2.56
C THR B 135 -7.14 -6.34 3.70
N GLN B 136 -6.41 -6.86 4.68
CA GLN B 136 -7.06 -7.59 5.78
C GLN B 136 -7.84 -6.62 6.66
N MET B 137 -7.30 -5.44 6.88
CA MET B 137 -8.02 -4.44 7.72
C MET B 137 -9.34 -3.99 7.06
N ALA B 138 -9.28 -3.79 5.74
CA ALA B 138 -10.47 -3.38 4.98
C ALA B 138 -11.54 -4.47 5.03
N LEU B 139 -11.12 -5.72 4.89
CA LEU B 139 -12.02 -6.86 4.98
C LEU B 139 -12.66 -7.04 6.38
N ILE B 140 -11.86 -6.98 7.43
CA ILE B 140 -12.30 -7.08 8.80
C ILE B 140 -13.27 -5.94 9.11
N ARG B 141 -12.92 -4.75 8.65
CA ARG B 141 -13.80 -3.58 8.75
C ARG B 141 -15.18 -3.89 8.13
N ASP B 142 -15.18 -4.36 6.88
CA ASP B 142 -16.43 -4.63 6.18
C ASP B 142 -17.24 -5.67 6.92
N ARG B 143 -16.57 -6.73 7.35
CA ARG B 143 -17.25 -7.84 8.00
C ARG B 143 -17.82 -7.46 9.36
N ILE B 144 -17.07 -6.66 10.12
CA ILE B 144 -17.57 -6.19 11.41
C ILE B 144 -18.72 -5.17 11.26
N GLU B 145 -18.61 -4.27 10.31
CA GLU B 145 -19.67 -3.28 10.04
C GLU B 145 -20.93 -3.94 9.49
N GLN B 146 -20.74 -4.99 8.69
CA GLN B 146 -21.85 -5.82 8.23
C GLN B 146 -22.55 -6.49 9.40
N ALA B 147 -21.75 -7.08 10.30
CA ALA B 147 -22.24 -7.68 11.53
C ALA B 147 -23.04 -6.67 12.35
N ALA B 148 -22.47 -5.49 12.55
CA ALA B 148 -23.11 -4.40 13.31
C ALA B 148 -24.43 -3.96 12.60
N GLY B 149 -24.34 -3.73 11.29
CA GLY B 149 -25.50 -3.35 10.49
C GLY B 149 -26.62 -4.37 10.52
N GLU B 150 -26.27 -5.65 10.41
CA GLU B 150 -27.29 -6.71 10.42
C GLU B 150 -28.05 -6.80 11.73
N ARG B 151 -27.36 -6.64 12.86
CA ARG B 151 -28.06 -6.68 14.16
C ARG B 151 -28.99 -5.48 14.28
N ARG B 152 -28.47 -4.31 13.88
CA ARG B 152 -29.20 -3.05 13.93
C ARG B 152 -30.51 -3.11 13.12
N THR B 153 -30.41 -3.64 11.90
CA THR B 153 -31.57 -3.77 11.03
C THR B 153 -32.61 -4.68 11.67
N ALA B 154 -32.13 -5.80 12.20
CA ALA B 154 -32.96 -6.76 12.91
C ALA B 154 -33.73 -6.16 14.09
N SER B 155 -33.05 -5.45 15.00
CA SER B 155 -33.72 -4.85 16.15
C SER B 155 -34.64 -3.70 15.75
N VAL B 156 -34.16 -2.79 14.91
CA VAL B 156 -34.98 -1.64 14.49
C VAL B 156 -36.21 -2.08 13.70
N LEU B 157 -36.11 -3.12 12.88
CA LEU B 157 -37.26 -3.62 12.11
C LEU B 157 -38.27 -4.47 12.89
N ALA B 158 -37.86 -5.08 14.00
CA ALA B 158 -38.77 -5.97 14.75
C ALA B 158 -39.78 -5.21 15.62
CAA JRO C . -7.81 14.25 -6.64
OAB JRO C . -5.02 11.11 -8.59
OAC JRO C . 0.90 11.94 -2.66
OAD JRO C . -0.55 9.87 -6.71
OAE JRO C . -1.37 13.37 -2.59
CAF JRO C . 0.23 10.86 -4.69
CAG JRO C . -5.55 13.66 -5.55
CAH JRO C . -3.39 13.11 -4.56
CAI JRO C . -2.92 11.29 -6.65
OAJ JRO C . -6.25 12.60 -7.58
CAK JRO C . -6.49 13.48 -6.56
CAL JRO C . -0.02 11.77 -3.65
CAM JRO C . -0.76 10.73 -5.69
CAN JRO C . -1.21 12.50 -3.61
CAO JRO C . -5.11 11.88 -7.62
CAP JRO C . -4.35 12.94 -5.58
CAQ JRO C . -1.96 11.47 -5.66
CAR JRO C . -2.19 12.37 -4.60
CAS JRO C . -4.12 12.04 -6.63
C1 GOL D . -1.72 9.52 -10.23
O1 GOL D . -1.91 10.92 -10.27
C2 GOL D . -0.56 9.18 -11.14
O2 GOL D . 0.53 10.05 -10.92
C3 GOL D . -0.95 9.41 -12.58
O3 GOL D . -1.90 10.44 -12.65
C1 GOL E . -6.96 -0.23 -8.20
O1 GOL E . -7.25 -0.79 -6.97
C2 GOL E . -6.96 -1.39 -9.18
O2 GOL E . -6.63 -2.60 -8.54
C3 GOL E . -6.09 -1.14 -10.40
O3 GOL E . -5.20 -0.09 -10.15
CAA JRO F . 4.58 -13.26 2.37
OAB JRO F . 2.40 -10.26 5.28
OAC JRO F . 5.78 -13.96 12.06
OAD JRO F . 2.98 -10.58 10.24
OAE JRO F . 6.30 -14.85 9.54
CAF JRO F . 4.37 -12.24 11.17
CAG JRO F . 4.89 -13.44 4.87
CAH JRO F . 5.19 -13.62 7.26
CAI JRO F . 3.50 -11.44 7.64
OAJ JRO F . 3.48 -11.72 3.96
CAK JRO F . 4.32 -12.78 3.78
CAL JRO F . 5.25 -13.33 10.97
CAM JRO F . 3.81 -11.63 10.05
CAN JRO F . 5.49 -13.78 9.68
CAO JRO F . 3.20 -11.22 5.22
CAP JRO F . 4.63 -12.97 6.16
CAQ JRO F . 4.08 -12.08 8.75
CAR JRO F . 4.93 -13.17 8.55
CAS JRO F . 3.76 -11.88 6.35
C1 GOL G . -1.70 -8.44 8.46
O1 GOL G . -1.85 -9.17 7.29
C2 GOL G . -0.46 -8.92 9.17
O2 GOL G . 0.34 -9.59 8.22
C3 GOL G . -0.90 -9.85 10.30
O3 GOL G . -1.88 -9.22 11.12
#